data_5KNI
#
_entry.id   5KNI
#
_cell.length_a   87.322
_cell.length_b   55.101
_cell.length_c   92.441
_cell.angle_alpha   90.00
_cell.angle_beta   115.88
_cell.angle_gamma   90.00
#
_symmetry.space_group_name_H-M   'P 1 21 1'
#
loop_
_entity.id
_entity.type
_entity.pdbx_description
1 polymer Tankyrase-1
2 water water
#
_entity_poly.entity_id   1
_entity_poly.type   'polypeptide(L)'
_entity_poly.pdbx_seq_one_letter_code
;SGLDMNISQFLKSLGLEHLRDIFETEQITLDVLADMGHEELKEIGINAYGHRHKLIKGVERLLGGQQ
;
_entity_poly.pdbx_strand_id   A,B,C,D,E,F,G
#
# COMPACT_ATOMS: atom_id res chain seq x y z
N MET A 5 32.53 5.67 38.50
CA MET A 5 33.76 6.06 37.73
C MET A 5 34.14 7.50 38.03
N ASN A 6 35.45 7.77 37.95
CA ASN A 6 36.03 9.06 38.28
C ASN A 6 36.02 10.00 37.06
N ILE A 7 35.54 11.22 37.29
CA ILE A 7 35.45 12.31 36.27
C ILE A 7 36.74 12.57 35.48
N SER A 8 37.90 12.40 36.10
CA SER A 8 39.17 12.60 35.39
C SER A 8 39.37 11.51 34.33
N GLN A 9 39.09 10.26 34.69
CA GLN A 9 39.21 9.15 33.73
C GLN A 9 38.11 9.15 32.66
N PHE A 10 36.97 9.78 32.95
CA PHE A 10 35.87 9.91 31.98
C PHE A 10 36.21 10.83 30.81
N LEU A 11 36.77 12.00 31.11
CA LEU A 11 37.20 12.96 30.11
C LEU A 11 38.44 12.46 29.33
N LYS A 12 39.27 11.62 29.98
CA LYS A 12 40.38 10.96 29.28
C LYS A 12 39.83 10.04 28.19
N SER A 13 38.78 9.28 28.48
CA SER A 13 38.20 8.35 27.51
C SER A 13 37.50 9.00 26.31
N LEU A 14 37.16 10.28 26.41
CA LEU A 14 36.56 11.05 25.30
C LEU A 14 37.56 12.00 24.61
N GLY A 15 38.79 12.07 25.10
CA GLY A 15 39.75 13.07 24.64
C GLY A 15 39.38 14.50 25.01
N LEU A 16 38.81 14.71 26.20
CA LEU A 16 38.40 16.04 26.64
C LEU A 16 39.07 16.44 27.96
N GLU A 17 40.30 15.95 28.17
CA GLU A 17 41.10 16.25 29.37
C GLU A 17 41.33 17.74 29.60
N HIS A 18 41.32 18.54 28.53
CA HIS A 18 41.41 20.01 28.64
C HIS A 18 40.17 20.68 29.29
N LEU A 19 39.07 19.96 29.47
CA LEU A 19 37.91 20.47 30.24
C LEU A 19 37.96 20.16 31.74
N ARG A 20 38.97 19.41 32.18
CA ARG A 20 39.16 19.06 33.60
C ARG A 20 38.88 20.22 34.55
N ASP A 21 39.31 21.42 34.14
CA ASP A 21 39.29 22.59 35.00
C ASP A 21 37.93 23.25 35.05
N ILE A 22 37.22 23.34 33.92
CA ILE A 22 35.82 23.80 33.93
C ILE A 22 35.01 22.86 34.85
N PHE A 23 35.24 21.56 34.74
CA PHE A 23 34.54 20.60 35.59
C PHE A 23 34.90 20.73 37.07
N GLU A 24 36.17 21.03 37.33
CA GLU A 24 36.64 21.25 38.70
C GLU A 24 36.03 22.55 39.27
N THR A 25 36.13 23.65 38.51
CA THR A 25 35.57 24.94 38.97
C THR A 25 34.09 24.86 39.20
N GLU A 26 33.38 24.27 38.26
CA GLU A 26 31.92 24.20 38.34
C GLU A 26 31.39 23.02 39.15
N GLN A 27 32.28 22.20 39.70
CA GLN A 27 31.95 21.05 40.54
C GLN A 27 30.99 20.12 39.87
N ILE A 28 31.26 19.78 38.62
CA ILE A 28 30.36 18.93 37.87
C ILE A 28 30.75 17.48 38.14
N THR A 29 29.95 16.78 38.93
CA THR A 29 30.04 15.32 39.06
C THR A 29 29.31 14.64 37.89
N LEU A 30 29.59 13.35 37.70
CA LEU A 30 28.90 12.55 36.69
C LEU A 30 27.38 12.53 36.94
N ASP A 31 26.93 12.46 38.19
CA ASP A 31 25.47 12.57 38.45
C ASP A 31 24.86 13.90 37.92
N VAL A 32 25.60 15.00 38.02
CA VAL A 32 25.16 16.32 37.51
C VAL A 32 25.21 16.35 35.99
N LEU A 33 26.32 15.91 35.43
CA LEU A 33 26.48 15.81 33.98
C LEU A 33 25.32 15.04 33.32
N ALA A 34 24.96 13.90 33.89
CA ALA A 34 23.81 13.14 33.43
C ALA A 34 22.56 13.98 33.22
N ASP A 35 22.37 15.02 34.04
CA ASP A 35 21.17 15.88 33.91
C ASP A 35 21.33 16.98 32.88
N MET A 36 22.51 17.14 32.29
CA MET A 36 22.78 18.32 31.48
C MET A 36 22.62 18.11 29.97
N GLY A 37 21.86 19.00 29.34
CA GLY A 37 21.83 19.14 27.89
C GLY A 37 22.80 20.17 27.34
N HIS A 38 22.62 20.46 26.05
CA HIS A 38 23.37 21.47 25.35
C HIS A 38 23.27 22.83 26.00
N GLU A 39 22.06 23.25 26.37
CA GLU A 39 21.87 24.60 26.93
C GLU A 39 22.70 24.74 28.20
N GLU A 40 22.65 23.72 29.04
CA GLU A 40 23.24 23.74 30.37
C GLU A 40 24.79 23.70 30.29
N LEU A 41 25.33 22.90 29.37
CA LEU A 41 26.78 22.85 29.15
C LEU A 41 27.35 24.13 28.50
N LYS A 42 26.59 24.76 27.62
CA LYS A 42 26.87 26.11 27.16
C LYS A 42 26.95 27.13 28.30
N GLU A 43 25.99 27.08 29.23
CA GLU A 43 26.02 27.93 30.41
C GLU A 43 27.32 27.82 31.26
N ILE A 44 27.97 26.66 31.33
CA ILE A 44 29.26 26.49 32.06
C ILE A 44 30.54 26.62 31.20
N GLY A 45 30.41 27.12 29.98
CA GLY A 45 31.56 27.45 29.16
C GLY A 45 32.05 26.47 28.12
N ILE A 46 31.30 25.40 27.89
CA ILE A 46 31.62 24.45 26.82
C ILE A 46 30.98 24.90 25.50
N ASN A 47 31.74 25.69 24.76
CA ASN A 47 31.21 26.45 23.62
C ASN A 47 31.07 25.64 22.36
N ALA A 48 31.82 24.55 22.22
CA ALA A 48 31.85 23.81 20.97
C ALA A 48 30.80 22.70 21.00
N TYR A 49 29.90 22.70 20.01
CA TYR A 49 28.88 21.68 19.82
C TYR A 49 29.45 20.27 19.97
N GLY A 50 30.54 19.99 19.25
CA GLY A 50 31.18 18.68 19.26
C GLY A 50 31.66 18.20 20.62
N HIS A 51 32.14 19.10 21.48
CA HIS A 51 32.52 18.73 22.84
C HIS A 51 31.29 18.40 23.67
N ARG A 52 30.25 19.25 23.56
CA ARG A 52 28.97 19.00 24.26
C ARG A 52 28.37 17.65 23.86
N HIS A 53 28.40 17.38 22.55
CA HIS A 53 27.86 16.15 21.98
C HIS A 53 28.57 14.93 22.54
N LYS A 54 29.90 14.99 22.56
CA LYS A 54 30.70 13.91 23.12
C LYS A 54 30.39 13.70 24.61
N LEU A 55 30.22 14.77 25.38
CA LEU A 55 29.96 14.63 26.81
C LEU A 55 28.61 13.98 27.02
N ILE A 56 27.63 14.41 26.23
CA ILE A 56 26.26 13.93 26.39
C ILE A 56 26.15 12.44 26.09
N LYS A 57 26.68 12.06 24.93
CA LYS A 57 26.77 10.66 24.50
C LYS A 57 27.55 9.81 25.49
N GLY A 58 28.69 10.32 25.95
CA GLY A 58 29.59 9.57 26.83
C GLY A 58 28.99 9.14 28.15
N VAL A 59 28.36 10.11 28.79
CA VAL A 59 27.69 9.88 30.05
C VAL A 59 26.48 8.98 29.83
N GLU A 60 25.70 9.26 28.79
CA GLU A 60 24.48 8.48 28.55
C GLU A 60 24.80 7.03 28.09
N ARG A 61 26.06 6.73 27.76
CA ARG A 61 26.52 5.36 27.55
C ARG A 61 26.63 4.65 28.89
N LEU A 62 27.07 5.37 29.93
CA LEU A 62 27.11 4.80 31.29
C LEU A 62 26.01 5.37 32.22
N MET B 5 40.61 9.12 7.16
CA MET B 5 40.36 10.44 6.50
C MET B 5 40.16 11.54 7.53
N ASN B 6 40.58 12.76 7.19
CA ASN B 6 40.45 13.95 8.04
C ASN B 6 39.43 14.96 7.52
N ILE B 7 39.15 15.96 8.35
CA ILE B 7 38.02 16.91 8.16
C ILE B 7 38.21 17.83 6.97
N SER B 8 39.43 18.31 6.79
CA SER B 8 39.71 19.25 5.74
C SER B 8 39.52 18.57 4.37
N GLN B 9 40.06 17.37 4.21
CA GLN B 9 39.95 16.68 2.91
C GLN B 9 38.55 16.11 2.67
N PHE B 10 37.79 15.93 3.73
CA PHE B 10 36.39 15.55 3.58
C PHE B 10 35.58 16.67 2.95
N LEU B 11 35.69 17.87 3.51
CA LEU B 11 34.92 19.00 3.04
C LEU B 11 35.29 19.38 1.65
N LYS B 12 36.57 19.26 1.30
CA LYS B 12 37.01 19.60 -0.04
C LYS B 12 36.46 18.61 -1.07
N SER B 13 36.36 17.32 -0.70
CA SER B 13 35.79 16.28 -1.59
C SER B 13 34.28 16.46 -1.91
N LEU B 14 33.60 17.32 -1.14
CA LEU B 14 32.18 17.66 -1.35
C LEU B 14 31.96 19.11 -1.82
N GLY B 15 33.02 19.87 -2.08
CA GLY B 15 32.91 21.29 -2.50
C GLY B 15 32.54 22.26 -1.38
N LEU B 16 32.62 21.79 -0.14
CA LEU B 16 32.17 22.54 1.01
C LEU B 16 33.29 23.13 1.86
N GLU B 17 34.46 23.38 1.27
CA GLU B 17 35.59 24.02 1.98
C GLU B 17 35.14 25.23 2.78
N HIS B 18 34.23 26.06 2.24
CA HIS B 18 33.72 27.28 2.96
C HIS B 18 33.08 27.01 4.34
N LEU B 19 32.75 25.75 4.63
CA LEU B 19 32.31 25.34 5.95
C LEU B 19 33.41 25.07 6.97
N ARG B 20 34.67 25.08 6.60
CA ARG B 20 35.74 24.67 7.52
C ARG B 20 35.78 25.48 8.85
N ASP B 21 35.39 26.75 8.79
CA ASP B 21 35.31 27.63 9.97
C ASP B 21 34.32 27.10 10.99
N ILE B 22 33.10 26.86 10.55
CA ILE B 22 32.07 26.31 11.41
C ILE B 22 32.54 25.00 12.07
N PHE B 23 33.13 24.10 11.26
CA PHE B 23 33.64 22.81 11.75
C PHE B 23 34.80 22.94 12.74
N GLU B 24 35.62 23.98 12.58
CA GLU B 24 36.72 24.29 13.50
C GLU B 24 36.21 24.85 14.83
N THR B 25 35.43 25.94 14.78
CA THR B 25 34.81 26.53 15.98
C THR B 25 33.99 25.50 16.75
N GLU B 26 33.17 24.73 16.05
CA GLU B 26 32.30 23.76 16.72
C GLU B 26 32.97 22.44 17.04
N GLN B 27 34.25 22.29 16.68
CA GLN B 27 35.02 21.08 16.93
C GLN B 27 34.28 19.83 16.48
N ILE B 28 33.74 19.90 15.29
CA ILE B 28 33.03 18.79 14.65
C ILE B 28 34.11 17.92 14.00
N THR B 29 34.32 16.73 14.56
CA THR B 29 35.12 15.70 13.91
C THR B 29 34.16 14.78 13.12
N LEU B 30 34.72 13.91 12.29
CA LEU B 30 33.93 12.95 11.52
C LEU B 30 33.13 11.99 12.40
N ASP B 31 33.70 11.51 13.51
CA ASP B 31 32.95 10.67 14.47
C ASP B 31 31.64 11.36 14.92
N VAL B 32 31.70 12.68 15.12
CA VAL B 32 30.57 13.51 15.55
C VAL B 32 29.59 13.77 14.40
N LEU B 33 30.11 14.16 13.24
CA LEU B 33 29.29 14.41 12.04
C LEU B 33 28.43 13.20 11.69
N ALA B 34 29.05 12.04 11.79
CA ALA B 34 28.38 10.77 11.65
C ALA B 34 27.07 10.66 12.41
N ASP B 35 26.90 11.36 13.53
CA ASP B 35 25.67 11.22 14.32
C ASP B 35 24.65 12.34 14.12
N MET B 36 24.91 13.23 13.17
CA MET B 36 24.16 14.45 13.05
C MET B 36 23.19 14.38 11.87
N GLY B 37 21.94 14.74 12.12
CA GLY B 37 20.95 14.92 11.08
C GLY B 37 20.80 16.37 10.74
N HIS B 38 19.69 16.63 10.05
CA HIS B 38 19.38 17.95 9.57
C HIS B 38 19.24 18.91 10.74
N GLU B 39 18.55 18.49 11.79
CA GLU B 39 18.28 19.35 12.97
C GLU B 39 19.59 19.77 13.64
N GLU B 40 20.48 18.81 13.86
CA GLU B 40 21.75 19.06 14.53
C GLU B 40 22.63 19.95 13.62
N LEU B 41 22.69 19.64 12.33
CA LEU B 41 23.42 20.51 11.42
C LEU B 41 22.84 21.95 11.31
N LYS B 42 21.53 22.09 11.39
CA LYS B 42 20.89 23.41 11.51
C LYS B 42 21.34 24.15 12.77
N GLU B 43 21.44 23.44 13.88
CA GLU B 43 21.90 23.98 15.15
C GLU B 43 23.32 24.61 15.07
N ILE B 44 24.24 24.04 14.27
CA ILE B 44 25.59 24.64 14.11
C ILE B 44 25.69 25.64 12.95
N GLY B 45 24.56 26.03 12.38
CA GLY B 45 24.53 27.08 11.35
C GLY B 45 24.71 26.68 9.90
N ILE B 46 24.38 25.44 9.56
CA ILE B 46 24.40 25.00 8.15
C ILE B 46 22.94 25.08 7.68
N ASN B 47 22.61 26.21 7.07
CA ASN B 47 21.23 26.61 6.83
C ASN B 47 20.65 26.11 5.53
N ALA B 48 21.53 25.73 4.62
CA ALA B 48 21.11 25.26 3.33
C ALA B 48 20.92 23.74 3.36
N TYR B 49 19.71 23.30 3.03
CA TYR B 49 19.37 21.88 2.94
C TYR B 49 20.37 21.14 2.07
N GLY B 50 20.69 21.71 0.93
CA GLY B 50 21.65 21.15 -0.01
C GLY B 50 22.97 20.82 0.64
N HIS B 51 23.46 21.68 1.53
CA HIS B 51 24.76 21.45 2.17
C HIS B 51 24.65 20.35 3.20
N ARG B 52 23.60 20.39 3.99
CA ARG B 52 23.40 19.39 5.00
C ARG B 52 23.26 18.03 4.30
N HIS B 53 22.52 18.02 3.22
CA HIS B 53 22.28 16.80 2.48
C HIS B 53 23.59 16.20 2.02
N LYS B 54 24.46 17.02 1.43
CA LYS B 54 25.79 16.54 0.98
C LYS B 54 26.63 16.04 2.16
N LEU B 55 26.58 16.72 3.30
CA LEU B 55 27.34 16.31 4.48
C LEU B 55 26.88 14.94 4.97
N ILE B 56 25.57 14.76 5.04
CA ILE B 56 24.95 13.51 5.52
C ILE B 56 25.22 12.34 4.59
N LYS B 57 25.10 12.55 3.27
CA LYS B 57 25.41 11.49 2.29
C LYS B 57 26.88 11.18 2.39
N GLY B 58 27.71 12.22 2.31
CA GLY B 58 29.18 12.07 2.34
C GLY B 58 29.72 11.21 3.48
N VAL B 59 29.23 11.46 4.68
CA VAL B 59 29.74 10.78 5.86
C VAL B 59 29.21 9.34 5.96
N GLU B 60 28.00 9.11 5.48
CA GLU B 60 27.46 7.75 5.41
C GLU B 60 28.21 6.90 4.37
N ARG B 61 28.48 7.49 3.21
CA ARG B 61 29.32 6.87 2.17
C ARG B 61 30.67 6.48 2.77
N LEU B 62 31.25 7.39 3.55
CA LEU B 62 32.57 7.17 4.16
C LEU B 62 32.63 5.92 5.05
N LEU B 63 31.63 5.71 5.92
CA LEU B 63 31.53 4.49 6.75
C LEU B 63 30.57 3.44 6.14
N GLY B 64 31.09 2.60 5.26
CA GLY B 64 30.28 1.63 4.52
C GLY B 64 29.79 0.49 5.38
N GLY C 2 18.96 19.10 -22.45
CA GLY C 2 19.73 18.79 -23.67
C GLY C 2 21.22 19.00 -23.49
N LEU C 3 21.65 20.26 -23.58
CA LEU C 3 23.07 20.60 -23.80
C LEU C 3 23.77 21.23 -22.55
N ASP C 4 24.26 20.37 -21.64
CA ASP C 4 25.13 20.80 -20.49
C ASP C 4 24.43 21.63 -19.36
N MET C 5 23.44 20.98 -18.76
CA MET C 5 22.57 21.44 -17.64
C MET C 5 23.01 22.24 -16.38
N ASN C 6 22.07 23.05 -15.90
CA ASN C 6 22.13 23.76 -14.64
C ASN C 6 20.66 24.09 -14.15
N ILE C 7 20.56 24.56 -12.92
CA ILE C 7 19.28 24.61 -12.23
C ILE C 7 18.35 25.67 -12.81
N SER C 8 18.90 26.82 -13.15
CA SER C 8 18.13 27.89 -13.75
C SER C 8 17.40 27.44 -15.04
N GLN C 9 18.17 26.87 -15.98
CA GLN C 9 17.64 26.33 -17.23
C GLN C 9 16.58 25.27 -16.99
N PHE C 10 16.89 24.39 -16.05
CA PHE C 10 16.06 23.28 -15.78
C PHE C 10 14.68 23.74 -15.29
N LEU C 11 14.66 24.68 -14.34
CA LEU C 11 13.41 25.25 -13.84
C LEU C 11 12.59 26.00 -14.90
N LYS C 12 13.28 26.64 -15.83
CA LYS C 12 12.63 27.36 -16.92
C LYS C 12 11.98 26.40 -17.90
N SER C 13 12.62 25.25 -18.13
CA SER C 13 12.05 24.21 -19.00
C SER C 13 10.75 23.56 -18.40
N LEU C 14 10.56 23.64 -17.09
CA LEU C 14 9.36 23.10 -16.45
C LEU C 14 8.30 24.15 -16.15
N GLY C 15 8.54 25.41 -16.49
CA GLY C 15 7.68 26.52 -16.04
C GLY C 15 7.74 26.80 -14.54
N LEU C 16 8.82 26.35 -13.86
CA LEU C 16 8.99 26.54 -12.41
C LEU C 16 10.07 27.53 -12.02
N GLU C 17 10.40 28.46 -12.92
CA GLU C 17 11.36 29.53 -12.62
C GLU C 17 11.04 30.36 -11.36
N HIS C 18 9.77 30.45 -10.96
CA HIS C 18 9.40 31.11 -9.68
C HIS C 18 9.93 30.39 -8.39
N LEU C 19 10.50 29.19 -8.50
CA LEU C 19 11.18 28.54 -7.36
C LEU C 19 12.69 28.79 -7.32
N ARG C 20 13.22 29.61 -8.22
CA ARG C 20 14.66 29.88 -8.20
C ARG C 20 15.17 30.35 -6.83
N ASP C 21 14.36 31.11 -6.10
CA ASP C 21 14.76 31.61 -4.79
C ASP C 21 14.95 30.47 -3.81
N ILE C 22 13.96 29.60 -3.74
CA ILE C 22 14.09 28.43 -2.86
C ILE C 22 15.37 27.62 -3.20
N PHE C 23 15.55 27.37 -4.49
CA PHE C 23 16.68 26.58 -4.92
C PHE C 23 17.98 27.23 -4.58
N GLU C 24 18.06 28.55 -4.75
CA GLU C 24 19.26 29.30 -4.47
C GLU C 24 19.58 29.30 -2.95
N THR C 25 18.65 29.76 -2.12
CA THR C 25 18.80 29.71 -0.66
C THR C 25 19.19 28.32 -0.17
N GLU C 26 18.47 27.31 -0.65
CA GLU C 26 18.72 25.94 -0.21
C GLU C 26 19.89 25.21 -0.87
N GLN C 27 20.57 25.84 -1.85
CA GLN C 27 21.74 25.27 -2.51
C GLN C 27 21.47 23.90 -3.10
N ILE C 28 20.28 23.78 -3.67
CA ILE C 28 19.87 22.56 -4.36
C ILE C 28 20.44 22.55 -5.76
N THR C 29 21.54 21.83 -5.95
CA THR C 29 22.00 21.45 -7.27
C THR C 29 21.26 20.21 -7.82
N LEU C 30 21.51 19.86 -9.08
CA LEU C 30 20.87 18.71 -9.74
C LEU C 30 21.21 17.40 -9.05
N ASP C 31 22.46 17.22 -8.62
CA ASP C 31 22.86 15.99 -7.89
C ASP C 31 22.02 15.77 -6.63
N VAL C 32 21.68 16.88 -5.95
CA VAL C 32 20.90 16.90 -4.73
C VAL C 32 19.44 16.57 -5.10
N LEU C 33 18.91 17.30 -6.07
CA LEU C 33 17.54 17.19 -6.50
C LEU C 33 17.17 15.77 -7.00
N ALA C 34 18.11 15.14 -7.69
CA ALA C 34 17.97 13.76 -8.11
C ALA C 34 17.79 12.76 -6.97
N ASP C 35 18.18 13.11 -5.73
CA ASP C 35 18.04 12.22 -4.55
C ASP C 35 16.79 12.57 -3.71
N MET C 36 15.99 13.53 -4.14
CA MET C 36 14.91 14.04 -3.33
C MET C 36 13.56 13.53 -3.80
N GLY C 37 12.70 13.19 -2.85
CA GLY C 37 11.31 12.84 -3.09
C GLY C 37 10.37 13.89 -2.53
N HIS C 38 9.11 13.50 -2.45
CA HIS C 38 8.08 14.41 -2.08
C HIS C 38 8.34 14.97 -0.70
N GLU C 39 8.67 14.11 0.27
CA GLU C 39 8.91 14.59 1.65
C GLU C 39 10.00 15.67 1.69
N GLU C 40 11.10 15.39 1.01
CA GLU C 40 12.27 16.26 1.09
C GLU C 40 11.96 17.62 0.45
N LEU C 41 11.24 17.62 -0.67
CA LEU C 41 10.87 18.87 -1.32
C LEU C 41 9.88 19.66 -0.48
N LYS C 42 9.05 18.97 0.28
CA LYS C 42 8.16 19.65 1.20
C LYS C 42 8.97 20.35 2.31
N GLU C 43 9.95 19.66 2.86
CA GLU C 43 10.96 20.23 3.78
C GLU C 43 11.60 21.57 3.30
N ILE C 44 11.88 21.72 2.01
CA ILE C 44 12.37 23.02 1.51
C ILE C 44 11.27 23.98 0.99
N GLY C 45 10.00 23.69 1.24
CA GLY C 45 8.89 24.61 0.95
C GLY C 45 8.24 24.54 -0.42
N ILE C 46 8.30 23.38 -1.07
CA ILE C 46 7.59 23.18 -2.31
C ILE C 46 6.25 22.52 -1.89
N ASN C 47 5.24 23.34 -1.63
CA ASN C 47 4.00 22.84 -1.00
C ASN C 47 2.99 22.18 -1.93
N ALA C 48 3.09 22.52 -3.21
CA ALA C 48 2.16 22.07 -4.20
C ALA C 48 2.65 20.74 -4.78
N TYR C 49 1.82 19.72 -4.67
CA TYR C 49 2.13 18.39 -5.18
C TYR C 49 2.52 18.41 -6.63
N GLY C 50 1.82 19.23 -7.42
CA GLY C 50 2.04 19.34 -8.86
C GLY C 50 3.44 19.84 -9.19
N HIS C 51 3.94 20.79 -8.38
CA HIS C 51 5.33 21.29 -8.52
C HIS C 51 6.35 20.22 -8.16
N ARG C 52 6.14 19.54 -7.03
CA ARG C 52 7.05 18.46 -6.65
C ARG C 52 7.11 17.39 -7.71
N HIS C 53 5.93 16.97 -8.18
CA HIS C 53 5.86 15.97 -9.24
C HIS C 53 6.64 16.34 -10.53
N LYS C 54 6.48 17.58 -10.98
CA LYS C 54 7.15 18.07 -12.18
C LYS C 54 8.64 18.02 -12.02
N LEU C 55 9.12 18.43 -10.85
CA LEU C 55 10.55 18.34 -10.52
C LEU C 55 11.10 16.93 -10.52
N ILE C 56 10.38 16.04 -9.84
CA ILE C 56 10.83 14.69 -9.65
C ILE C 56 10.91 13.96 -10.98
N LYS C 57 9.83 14.03 -11.75
CA LYS C 57 9.84 13.49 -13.09
C LYS C 57 10.83 14.26 -14.00
N GLY C 58 10.89 15.58 -13.89
CA GLY C 58 11.80 16.40 -14.73
C GLY C 58 13.28 15.99 -14.65
N VAL C 59 13.78 15.82 -13.44
CA VAL C 59 15.19 15.44 -13.22
C VAL C 59 15.54 14.00 -13.61
N GLU C 60 14.62 13.04 -13.37
CA GLU C 60 14.74 11.67 -13.95
C GLU C 60 14.85 11.67 -15.49
N ARG C 61 13.98 12.46 -16.12
CA ARG C 61 13.95 12.64 -17.58
C ARG C 61 15.27 13.25 -18.05
N LEU C 62 15.70 14.32 -17.40
CA LEU C 62 16.95 15.02 -17.72
C LEU C 62 18.15 14.11 -17.66
N LEU C 63 18.26 13.29 -16.62
CA LEU C 63 19.47 12.46 -16.47
C LEU C 63 19.39 11.07 -17.08
N GLY C 64 18.21 10.71 -17.59
CA GLY C 64 17.87 9.31 -17.93
C GLY C 64 18.07 8.93 -19.35
N GLY C 65 18.22 9.91 -20.25
CA GLY C 65 18.67 9.63 -21.65
C GLY C 65 17.67 9.62 -22.79
N GLN C 66 16.45 10.13 -22.54
CA GLN C 66 15.35 10.11 -23.53
C GLN C 66 15.25 11.44 -24.28
N ASP D 4 -3.84 19.39 -22.03
CA ASP D 4 -4.60 19.42 -23.31
C ASP D 4 -5.56 20.65 -23.40
N MET D 5 -6.49 20.71 -22.44
CA MET D 5 -7.53 21.76 -22.32
C MET D 5 -7.36 22.50 -20.97
N ASN D 6 -8.36 23.29 -20.59
CA ASN D 6 -8.39 24.01 -19.31
C ASN D 6 -8.82 23.12 -18.10
N ILE D 7 -8.06 23.14 -17.00
CA ILE D 7 -8.36 22.30 -15.80
C ILE D 7 -9.74 22.62 -15.21
N SER D 8 -10.08 23.89 -15.17
CA SER D 8 -11.40 24.30 -14.71
C SER D 8 -12.55 23.73 -15.59
N GLN D 9 -12.35 23.64 -16.91
CA GLN D 9 -13.39 23.14 -17.83
C GLN D 9 -13.51 21.61 -17.74
N PHE D 10 -12.36 20.94 -17.61
CA PHE D 10 -12.26 19.48 -17.42
C PHE D 10 -13.03 19.01 -16.18
N LEU D 11 -12.80 19.67 -15.05
CA LEU D 11 -13.55 19.41 -13.83
C LEU D 11 -15.07 19.64 -14.02
N LYS D 12 -15.42 20.68 -14.78
CA LYS D 12 -16.82 20.99 -15.04
C LYS D 12 -17.46 19.89 -15.90
N SER D 13 -16.76 19.50 -16.97
CA SER D 13 -17.18 18.40 -17.83
C SER D 13 -17.40 17.04 -17.11
N LEU D 14 -16.78 16.84 -15.93
CA LEU D 14 -16.96 15.65 -15.09
C LEU D 14 -17.89 15.82 -13.89
N GLY D 15 -18.45 17.01 -13.71
CA GLY D 15 -19.23 17.32 -12.51
C GLY D 15 -18.42 17.44 -11.23
N LEU D 16 -17.13 17.71 -11.32
CA LEU D 16 -16.29 17.80 -10.13
C LEU D 16 -15.72 19.21 -9.91
N GLU D 17 -16.52 20.24 -10.22
CA GLU D 17 -16.16 21.68 -10.07
C GLU D 17 -15.79 22.00 -8.63
N HIS D 18 -16.37 21.26 -7.68
CA HIS D 18 -16.06 21.43 -6.26
C HIS D 18 -14.65 20.96 -5.82
N LEU D 19 -13.86 20.32 -6.72
CA LEU D 19 -12.45 19.98 -6.47
C LEU D 19 -11.47 21.03 -6.96
N ARG D 20 -12.01 22.11 -7.52
CA ARG D 20 -11.19 23.16 -8.10
C ARG D 20 -10.20 23.75 -7.10
N ASP D 21 -10.61 23.82 -5.84
CA ASP D 21 -9.76 24.38 -4.78
C ASP D 21 -8.55 23.48 -4.47
N ILE D 22 -8.75 22.17 -4.41
CA ILE D 22 -7.62 21.25 -4.22
C ILE D 22 -6.65 21.30 -5.40
N PHE D 23 -7.21 21.26 -6.60
CA PHE D 23 -6.41 21.32 -7.81
C PHE D 23 -5.62 22.63 -7.94
N GLU D 24 -6.21 23.74 -7.50
CA GLU D 24 -5.55 25.03 -7.50
C GLU D 24 -4.42 25.04 -6.47
N THR D 25 -4.66 24.59 -5.26
CA THR D 25 -3.66 24.55 -4.19
C THR D 25 -2.51 23.60 -4.51
N GLU D 26 -2.80 22.46 -5.09
CA GLU D 26 -1.76 21.50 -5.38
C GLU D 26 -1.17 21.67 -6.77
N GLN D 27 -1.60 22.71 -7.49
CA GLN D 27 -1.10 23.03 -8.83
C GLN D 27 -1.14 21.84 -9.78
N ILE D 28 -2.24 21.10 -9.74
CA ILE D 28 -2.41 19.90 -10.55
C ILE D 28 -2.91 20.37 -11.90
N THR D 29 -2.02 20.37 -12.89
CA THR D 29 -2.38 20.57 -14.27
C THR D 29 -2.78 19.24 -14.85
N LEU D 30 -3.28 19.25 -16.08
CA LEU D 30 -3.77 18.04 -16.72
C LEU D 30 -2.69 16.98 -16.96
N ASP D 31 -1.49 17.44 -17.31
CA ASP D 31 -0.33 16.55 -17.56
C ASP D 31 0.13 15.83 -16.29
N VAL D 32 -0.02 16.50 -15.14
CA VAL D 32 0.30 15.92 -13.84
C VAL D 32 -0.76 14.85 -13.53
N LEU D 33 -2.01 15.24 -13.65
CA LEU D 33 -3.12 14.36 -13.42
C LEU D 33 -3.02 13.11 -14.25
N ALA D 34 -2.61 13.23 -15.51
CA ALA D 34 -2.42 12.05 -16.34
C ALA D 34 -1.50 10.98 -15.71
N ASP D 35 -0.54 11.37 -14.88
CA ASP D 35 0.36 10.40 -14.19
C ASP D 35 -0.16 9.83 -12.87
N MET D 36 -1.32 10.29 -12.39
CA MET D 36 -1.77 9.98 -11.05
C MET D 36 -2.79 8.83 -11.00
N GLY D 37 -2.53 7.85 -10.12
CA GLY D 37 -3.49 6.83 -9.77
C GLY D 37 -4.19 7.12 -8.44
N HIS D 38 -4.85 6.10 -7.92
CA HIS D 38 -5.66 6.23 -6.74
C HIS D 38 -4.83 6.65 -5.54
N GLU D 39 -3.64 6.07 -5.39
CA GLU D 39 -2.74 6.45 -4.29
C GLU D 39 -2.35 7.92 -4.29
N GLU D 40 -2.09 8.46 -5.47
CA GLU D 40 -1.58 9.83 -5.58
C GLU D 40 -2.71 10.82 -5.34
N LEU D 41 -3.89 10.50 -5.87
CA LEU D 41 -5.07 11.31 -5.66
C LEU D 41 -5.53 11.34 -4.20
N LYS D 42 -5.36 10.21 -3.52
CA LYS D 42 -5.57 10.13 -2.10
C LYS D 42 -4.63 11.04 -1.35
N GLU D 43 -3.36 11.06 -1.75
CA GLU D 43 -2.35 11.93 -1.16
C GLU D 43 -2.74 13.42 -1.19
N ILE D 44 -3.35 13.88 -2.26
CA ILE D 44 -3.77 15.28 -2.36
C ILE D 44 -5.18 15.55 -1.82
N GLY D 45 -5.80 14.56 -1.17
CA GLY D 45 -7.10 14.76 -0.54
C GLY D 45 -8.35 14.37 -1.33
N ILE D 46 -8.25 13.62 -2.42
CA ILE D 46 -9.46 13.12 -3.08
C ILE D 46 -9.83 11.79 -2.38
N ASN D 47 -10.67 11.86 -1.36
CA ASN D 47 -10.94 10.69 -0.52
C ASN D 47 -12.01 9.78 -1.01
N ALA D 48 -12.92 10.29 -1.85
CA ALA D 48 -13.99 9.46 -2.40
C ALA D 48 -13.49 8.65 -3.62
N TYR D 49 -13.66 7.33 -3.59
CA TYR D 49 -13.24 6.43 -4.68
C TYR D 49 -13.86 6.87 -6.00
N GLY D 50 -15.14 7.20 -5.98
CA GLY D 50 -15.91 7.60 -7.13
C GLY D 50 -15.36 8.84 -7.81
N HIS D 51 -14.82 9.78 -7.04
CA HIS D 51 -14.17 10.97 -7.63
C HIS D 51 -12.88 10.61 -8.33
N ARG D 52 -12.04 9.83 -7.66
CA ARG D 52 -10.77 9.44 -8.24
C ARG D 52 -10.98 8.68 -9.53
N HIS D 53 -11.93 7.76 -9.50
CA HIS D 53 -12.27 6.97 -10.65
C HIS D 53 -12.68 7.83 -11.87
N LYS D 54 -13.51 8.83 -11.65
CA LYS D 54 -13.92 9.72 -12.73
C LYS D 54 -12.77 10.57 -13.27
N LEU D 55 -11.91 11.06 -12.40
CA LEU D 55 -10.70 11.78 -12.82
C LEU D 55 -9.80 10.91 -13.67
N ILE D 56 -9.48 9.72 -13.16
CA ILE D 56 -8.58 8.81 -13.86
C ILE D 56 -9.14 8.42 -15.22
N LYS D 57 -10.42 8.06 -15.24
CA LYS D 57 -11.05 7.58 -16.47
C LYS D 57 -11.26 8.78 -17.46
N GLY D 58 -11.49 9.97 -16.93
CA GLY D 58 -11.77 11.14 -17.74
C GLY D 58 -10.52 11.71 -18.38
N VAL D 59 -9.42 11.70 -17.65
CA VAL D 59 -8.14 12.13 -18.19
C VAL D 59 -7.56 11.12 -19.21
N GLU D 60 -7.80 9.82 -19.02
CA GLU D 60 -7.36 8.82 -20.02
C GLU D 60 -8.20 8.80 -21.30
N ARG D 61 -9.47 9.21 -21.22
CA ARG D 61 -10.31 9.38 -22.42
C ARG D 61 -9.85 10.64 -23.17
N LEU D 62 -9.40 11.63 -22.41
CA LEU D 62 -8.91 12.90 -22.95
C LEU D 62 -7.63 12.78 -23.80
N LEU D 63 -6.72 11.88 -23.43
CA LEU D 63 -5.43 11.72 -24.13
C LEU D 63 -5.42 10.62 -25.24
N GLY D 64 -6.17 9.53 -25.05
CA GLY D 64 -6.04 8.34 -25.88
C GLY D 64 -6.73 8.46 -27.21
N MET E 5 -31.26 10.90 -6.25
CA MET E 5 -31.63 9.63 -5.55
C MET E 5 -31.35 8.32 -6.35
N ASN E 6 -30.82 8.42 -7.59
CA ASN E 6 -30.70 7.25 -8.45
C ASN E 6 -29.96 6.07 -7.86
N ILE E 7 -28.86 6.34 -7.20
CA ILE E 7 -28.11 5.27 -6.56
C ILE E 7 -28.85 4.72 -5.34
N SER E 8 -29.57 5.55 -4.63
CA SER E 8 -30.18 5.07 -3.44
C SER E 8 -31.52 4.33 -3.79
N GLN E 9 -32.24 4.76 -4.83
CA GLN E 9 -33.34 3.95 -5.41
C GLN E 9 -32.87 2.60 -5.88
N PHE E 10 -31.72 2.61 -6.56
CA PHE E 10 -31.14 1.42 -7.10
C PHE E 10 -30.82 0.42 -5.98
N LEU E 11 -30.25 0.89 -4.88
CA LEU E 11 -29.88 -0.02 -3.78
C LEU E 11 -31.10 -0.57 -3.11
N LYS E 12 -32.11 0.27 -2.98
CA LYS E 12 -33.39 -0.17 -2.48
C LYS E 12 -34.01 -1.29 -3.33
N SER E 13 -33.90 -1.18 -4.65
CA SER E 13 -34.51 -2.15 -5.53
C SER E 13 -33.85 -3.53 -5.41
N LEU E 14 -32.62 -3.54 -4.93
CA LEU E 14 -31.87 -4.75 -4.62
C LEU E 14 -31.94 -5.21 -3.16
N GLY E 15 -32.65 -4.53 -2.28
CA GLY E 15 -32.53 -4.87 -0.85
C GLY E 15 -31.19 -4.54 -0.21
N LEU E 16 -30.36 -3.72 -0.88
CA LEU E 16 -29.04 -3.38 -0.34
C LEU E 16 -28.94 -1.98 0.14
N GLU E 17 -30.05 -1.42 0.59
CA GLU E 17 -30.10 -0.05 1.07
C GLU E 17 -29.19 0.22 2.31
N HIS E 18 -28.82 -0.83 3.02
CA HIS E 18 -27.92 -0.69 4.16
C HIS E 18 -26.46 -0.47 3.72
N LEU E 19 -26.15 -0.61 2.43
CA LEU E 19 -24.89 -0.18 1.87
C LEU E 19 -24.83 1.30 1.54
N ARG E 20 -25.87 2.05 1.85
CA ARG E 20 -25.96 3.42 1.30
C ARG E 20 -24.99 4.45 1.91
N ASP E 21 -24.48 4.19 3.11
CA ASP E 21 -23.40 5.02 3.68
C ASP E 21 -22.04 4.81 3.01
N ILE E 22 -21.69 3.58 2.68
CA ILE E 22 -20.50 3.32 1.88
C ILE E 22 -20.60 4.06 0.53
N PHE E 23 -21.74 3.93 -0.15
CA PHE E 23 -21.94 4.55 -1.45
C PHE E 23 -21.95 6.07 -1.41
N GLU E 24 -22.44 6.62 -0.31
CA GLU E 24 -22.47 8.04 -0.15
C GLU E 24 -21.06 8.58 0.12
N THR E 25 -20.37 7.98 1.09
CA THR E 25 -18.99 8.35 1.45
C THR E 25 -18.03 8.22 0.25
N GLU E 26 -18.04 7.08 -0.43
CA GLU E 26 -17.26 6.91 -1.63
C GLU E 26 -17.80 7.58 -2.92
N GLN E 27 -18.93 8.27 -2.86
CA GLN E 27 -19.53 8.97 -4.01
C GLN E 27 -19.66 8.09 -5.27
N ILE E 28 -20.13 6.87 -5.10
CA ILE E 28 -20.33 5.93 -6.19
C ILE E 28 -21.65 6.32 -6.89
N THR E 29 -21.60 6.64 -8.15
CA THR E 29 -22.77 6.87 -8.98
C THR E 29 -22.84 5.69 -9.93
N LEU E 30 -23.93 5.60 -10.68
CA LEU E 30 -24.20 4.43 -11.55
C LEU E 30 -23.10 4.21 -12.59
N ASP E 31 -22.64 5.29 -13.19
CA ASP E 31 -21.51 5.24 -14.12
C ASP E 31 -20.24 4.67 -13.47
N VAL E 32 -19.95 5.01 -12.22
CA VAL E 32 -18.82 4.38 -11.55
C VAL E 32 -19.11 2.91 -11.31
N LEU E 33 -20.26 2.64 -10.72
CA LEU E 33 -20.65 1.29 -10.40
C LEU E 33 -20.59 0.37 -11.63
N ALA E 34 -21.04 0.87 -12.77
CA ALA E 34 -21.11 0.06 -13.99
C ALA E 34 -19.72 -0.46 -14.41
N ASP E 35 -18.64 0.19 -13.96
CA ASP E 35 -17.27 -0.21 -14.23
C ASP E 35 -16.64 -1.06 -13.15
N MET E 36 -17.36 -1.37 -12.07
CA MET E 36 -16.71 -2.05 -10.96
C MET E 36 -16.99 -3.55 -10.96
N GLY E 37 -15.94 -4.32 -10.74
CA GLY E 37 -15.99 -5.77 -10.50
C GLY E 37 -15.74 -6.08 -9.03
N HIS E 38 -15.55 -7.36 -8.74
CA HIS E 38 -15.37 -7.82 -7.37
C HIS E 38 -14.21 -7.08 -6.68
N GLU E 39 -13.05 -7.01 -7.32
CA GLU E 39 -11.89 -6.41 -6.68
C GLU E 39 -12.16 -4.97 -6.24
N GLU E 40 -12.78 -4.18 -7.10
CA GLU E 40 -12.98 -2.74 -6.83
C GLU E 40 -14.04 -2.58 -5.76
N LEU E 41 -15.09 -3.40 -5.80
CA LEU E 41 -16.07 -3.41 -4.71
C LEU E 41 -15.48 -3.84 -3.34
N LYS E 42 -14.55 -4.78 -3.32
CA LYS E 42 -13.81 -5.09 -2.10
C LYS E 42 -12.97 -3.91 -1.63
N GLU E 43 -12.36 -3.20 -2.56
CA GLU E 43 -11.54 -2.03 -2.23
C GLU E 43 -12.38 -0.98 -1.47
N ILE E 44 -13.66 -0.78 -1.83
CA ILE E 44 -14.48 0.19 -1.08
C ILE E 44 -15.23 -0.37 0.15
N GLY E 45 -14.97 -1.60 0.57
CA GLY E 45 -15.57 -2.17 1.78
C GLY E 45 -16.83 -3.00 1.58
N ILE E 46 -17.11 -3.45 0.37
CA ILE E 46 -18.21 -4.39 0.17
C ILE E 46 -17.68 -5.81 0.26
N ASN E 47 -17.66 -6.28 1.50
CA ASN E 47 -16.94 -7.49 1.90
C ASN E 47 -17.63 -8.82 1.63
N ALA E 48 -18.94 -8.80 1.48
CA ALA E 48 -19.72 -9.98 1.26
C ALA E 48 -19.83 -10.25 -0.26
N TYR E 49 -19.46 -11.46 -0.69
CA TYR E 49 -19.56 -11.92 -2.09
C TYR E 49 -20.95 -11.67 -2.64
N GLY E 50 -21.96 -12.03 -1.85
CA GLY E 50 -23.35 -11.90 -2.26
C GLY E 50 -23.78 -10.49 -2.56
N HIS E 51 -23.29 -9.53 -1.77
CA HIS E 51 -23.62 -8.13 -2.07
C HIS E 51 -22.99 -7.67 -3.36
N ARG E 52 -21.74 -8.05 -3.55
CA ARG E 52 -21.01 -7.68 -4.72
C ARG E 52 -21.68 -8.28 -5.96
N HIS E 53 -22.11 -9.53 -5.85
CA HIS E 53 -22.76 -10.24 -6.92
C HIS E 53 -24.04 -9.53 -7.28
N LYS E 54 -24.85 -9.19 -6.28
CA LYS E 54 -26.12 -8.52 -6.56
C LYS E 54 -25.90 -7.14 -7.21
N LEU E 55 -24.89 -6.40 -6.76
CA LEU E 55 -24.58 -5.08 -7.33
C LEU E 55 -24.17 -5.15 -8.80
N ILE E 56 -23.27 -6.07 -9.12
CA ILE E 56 -22.76 -6.22 -10.48
C ILE E 56 -23.88 -6.66 -11.45
N LYS E 57 -24.62 -7.68 -11.05
CA LYS E 57 -25.73 -8.15 -11.85
C LYS E 57 -26.87 -7.13 -11.94
N GLY E 58 -27.15 -6.43 -10.84
CA GLY E 58 -28.19 -5.41 -10.85
C GLY E 58 -27.90 -4.24 -11.81
N VAL E 59 -26.66 -3.80 -11.83
CA VAL E 59 -26.34 -2.67 -12.70
C VAL E 59 -26.29 -3.10 -14.14
N GLU E 60 -25.81 -4.32 -14.41
CA GLU E 60 -25.91 -4.87 -15.76
C GLU E 60 -27.36 -4.93 -16.23
N ARG E 61 -28.25 -5.39 -15.36
CA ARG E 61 -29.66 -5.52 -15.77
C ARG E 61 -30.32 -4.14 -15.97
N LEU E 62 -29.96 -3.19 -15.13
CA LEU E 62 -30.52 -1.83 -15.20
C LEU E 62 -30.18 -1.17 -16.51
N LEU E 63 -28.92 -1.27 -16.91
CA LEU E 63 -28.44 -0.58 -18.11
C LEU E 63 -28.52 -1.43 -19.34
N GLY E 64 -28.81 -2.72 -19.20
CA GLY E 64 -28.80 -3.66 -20.34
C GLY E 64 -30.04 -3.77 -21.18
N GLY E 65 -31.11 -3.04 -20.88
CA GLY E 65 -32.38 -3.13 -21.69
C GLY E 65 -33.47 -4.17 -21.38
N GLN E 66 -33.89 -4.29 -20.11
CA GLN E 66 -35.13 -5.03 -19.71
C GLN E 66 -35.40 -4.97 -18.19
N ASP F 4 -42.01 -20.95 0.37
CA ASP F 4 -40.62 -21.15 -0.15
C ASP F 4 -39.78 -21.84 0.96
N MET F 5 -38.56 -21.36 1.20
CA MET F 5 -37.58 -21.98 2.08
C MET F 5 -36.39 -21.06 1.98
N ASN F 6 -35.68 -20.90 3.10
CA ASN F 6 -34.53 -20.01 3.14
C ASN F 6 -33.22 -20.80 3.23
N ILE F 7 -32.11 -20.05 3.14
CA ILE F 7 -30.78 -20.63 3.00
C ILE F 7 -30.39 -21.54 4.18
N SER F 8 -30.75 -21.20 5.41
CA SER F 8 -30.28 -22.00 6.52
C SER F 8 -31.02 -23.35 6.54
N GLN F 9 -32.34 -23.35 6.32
CA GLN F 9 -33.10 -24.61 6.24
C GLN F 9 -32.60 -25.44 5.06
N PHE F 10 -32.37 -24.80 3.94
CA PHE F 10 -31.78 -25.45 2.80
C PHE F 10 -30.44 -26.18 3.09
N LEU F 11 -29.49 -25.51 3.72
CA LEU F 11 -28.22 -26.15 4.09
C LEU F 11 -28.42 -27.34 5.09
N LYS F 12 -29.37 -27.18 6.00
CA LYS F 12 -29.66 -28.18 7.01
C LYS F 12 -30.20 -29.42 6.32
N SER F 13 -31.03 -29.19 5.31
CA SER F 13 -31.71 -30.27 4.60
C SER F 13 -30.73 -31.07 3.76
N LEU F 14 -29.63 -30.47 3.35
CA LEU F 14 -28.57 -31.22 2.65
C LEU F 14 -27.47 -31.80 3.55
N GLY F 15 -27.63 -31.76 4.86
CA GLY F 15 -26.53 -32.08 5.75
C GLY F 15 -25.34 -31.12 5.72
N LEU F 16 -25.52 -29.87 5.28
CA LEU F 16 -24.40 -28.90 5.18
C LEU F 16 -24.54 -27.72 6.13
N GLU F 17 -25.10 -27.96 7.29
CA GLU F 17 -25.33 -26.91 8.27
C GLU F 17 -24.03 -26.23 8.76
N HIS F 18 -22.94 -26.98 8.78
CA HIS F 18 -21.65 -26.44 9.14
C HIS F 18 -21.15 -25.37 8.13
N LEU F 19 -21.78 -25.24 6.98
CA LEU F 19 -21.48 -24.16 6.06
C LEU F 19 -22.22 -22.85 6.34
N ARG F 20 -23.07 -22.83 7.34
CA ARG F 20 -23.97 -21.71 7.53
C ARG F 20 -23.22 -20.40 7.78
N ASP F 21 -22.10 -20.50 8.49
CA ASP F 21 -21.30 -19.34 8.83
C ASP F 21 -20.59 -18.73 7.60
N ILE F 22 -20.19 -19.56 6.65
CA ILE F 22 -19.69 -19.03 5.37
C ILE F 22 -20.80 -18.29 4.63
N PHE F 23 -21.95 -18.92 4.56
CA PHE F 23 -23.06 -18.35 3.84
C PHE F 23 -23.55 -17.05 4.46
N GLU F 24 -23.48 -16.96 5.79
CA GLU F 24 -23.83 -15.75 6.48
C GLU F 24 -22.73 -14.67 6.29
N THR F 25 -21.43 -15.03 6.36
CA THR F 25 -20.42 -14.01 6.17
C THR F 25 -20.52 -13.41 4.77
N GLU F 26 -20.74 -14.27 3.79
CA GLU F 26 -20.78 -13.86 2.38
C GLU F 26 -22.15 -13.41 1.90
N GLN F 27 -23.16 -13.44 2.79
CA GLN F 27 -24.56 -13.04 2.49
C GLN F 27 -25.11 -13.71 1.25
N ILE F 28 -24.89 -15.01 1.18
CA ILE F 28 -25.33 -15.81 0.06
C ILE F 28 -26.75 -16.20 0.37
N THR F 29 -27.69 -15.55 -0.28
CA THR F 29 -29.06 -16.02 -0.32
C THR F 29 -29.23 -17.09 -1.39
N LEU F 30 -30.40 -17.74 -1.42
CA LEU F 30 -30.71 -18.74 -2.47
C LEU F 30 -30.67 -18.21 -3.91
N ASP F 31 -31.24 -17.02 -4.15
CA ASP F 31 -31.13 -16.33 -5.47
C ASP F 31 -29.64 -16.12 -5.98
N VAL F 32 -28.70 -15.91 -5.06
CA VAL F 32 -27.27 -15.82 -5.38
C VAL F 32 -26.69 -17.21 -5.62
N LEU F 33 -26.94 -18.15 -4.73
CA LEU F 33 -26.43 -19.51 -4.90
C LEU F 33 -26.83 -20.15 -6.22
N ALA F 34 -28.05 -19.88 -6.67
CA ALA F 34 -28.53 -20.34 -7.95
C ALA F 34 -27.71 -19.96 -9.17
N ASP F 35 -26.90 -18.90 -9.07
CA ASP F 35 -26.03 -18.44 -10.16
C ASP F 35 -24.60 -18.89 -9.98
N MET F 36 -24.29 -19.65 -8.94
CA MET F 36 -22.92 -19.98 -8.65
C MET F 36 -22.53 -21.38 -9.14
N GLY F 37 -21.36 -21.49 -9.77
CA GLY F 37 -20.76 -22.77 -10.13
C GLY F 37 -19.65 -23.19 -9.18
N HIS F 38 -18.93 -24.26 -9.53
CA HIS F 38 -17.83 -24.70 -8.71
C HIS F 38 -16.79 -23.62 -8.40
N GLU F 39 -16.43 -22.86 -9.41
CA GLU F 39 -15.40 -21.80 -9.27
C GLU F 39 -15.79 -20.74 -8.27
N GLU F 40 -17.02 -20.26 -8.36
CA GLU F 40 -17.51 -19.25 -7.43
C GLU F 40 -17.62 -19.81 -5.99
N LEU F 41 -18.00 -21.07 -5.84
CA LEU F 41 -18.10 -21.67 -4.50
C LEU F 41 -16.72 -21.93 -3.89
N LYS F 42 -15.76 -22.34 -4.70
CA LYS F 42 -14.36 -22.38 -4.29
C LYS F 42 -13.90 -21.02 -3.81
N GLU F 43 -14.25 -19.98 -4.54
CA GLU F 43 -13.86 -18.60 -4.20
C GLU F 43 -14.34 -18.17 -2.77
N ILE F 44 -15.53 -18.57 -2.36
CA ILE F 44 -16.02 -18.25 -1.01
C ILE F 44 -15.64 -19.32 0.04
N GLY F 45 -14.73 -20.23 -0.31
CA GLY F 45 -14.17 -21.19 0.65
C GLY F 45 -14.90 -22.53 0.85
N ILE F 46 -15.76 -22.93 -0.09
CA ILE F 46 -16.28 -24.30 -0.08
C ILE F 46 -15.31 -25.19 -0.86
N ASN F 47 -14.42 -25.88 -0.14
CA ASN F 47 -13.27 -26.57 -0.76
C ASN F 47 -13.49 -28.00 -1.26
N ALA F 48 -14.44 -28.72 -0.67
CA ALA F 48 -14.76 -30.06 -1.12
C ALA F 48 -15.70 -30.10 -2.35
N TYR F 49 -15.32 -30.86 -3.36
CA TYR F 49 -16.11 -30.98 -4.58
C TYR F 49 -17.50 -31.52 -4.24
N GLY F 50 -17.54 -32.57 -3.44
CA GLY F 50 -18.78 -33.13 -2.90
C GLY F 50 -19.73 -32.15 -2.28
N HIS F 51 -19.22 -31.20 -1.51
CA HIS F 51 -20.08 -30.14 -0.93
C HIS F 51 -20.62 -29.23 -2.00
N ARG F 52 -19.78 -28.87 -2.98
CA ARG F 52 -20.25 -27.95 -4.01
C ARG F 52 -21.30 -28.63 -4.89
N HIS F 53 -21.11 -29.92 -5.11
CA HIS F 53 -21.95 -30.74 -5.97
C HIS F 53 -23.32 -30.83 -5.33
N LYS F 54 -23.36 -31.10 -4.04
CA LYS F 54 -24.63 -31.10 -3.30
C LYS F 54 -25.38 -29.78 -3.33
N LEU F 55 -24.65 -28.68 -3.23
CA LEU F 55 -25.29 -27.35 -3.29
C LEU F 55 -25.85 -27.00 -4.67
N ILE F 56 -25.06 -27.28 -5.68
CA ILE F 56 -25.44 -26.97 -7.04
C ILE F 56 -26.63 -27.84 -7.50
N LYS F 57 -26.61 -29.15 -7.23
CA LYS F 57 -27.76 -30.01 -7.59
C LYS F 57 -28.94 -29.70 -6.69
N GLY F 58 -28.68 -29.32 -5.44
CA GLY F 58 -29.76 -29.01 -4.50
C GLY F 58 -30.54 -27.80 -4.93
N VAL F 59 -29.84 -26.77 -5.37
CA VAL F 59 -30.52 -25.50 -5.66
C VAL F 59 -31.24 -25.62 -6.98
N GLU F 60 -30.67 -26.41 -7.87
CA GLU F 60 -31.33 -26.72 -9.12
C GLU F 60 -32.61 -27.53 -8.89
N ARG F 61 -32.55 -28.58 -8.06
CA ARG F 61 -33.76 -29.36 -7.69
C ARG F 61 -34.86 -28.39 -7.19
N LEU F 62 -34.47 -27.43 -6.35
CA LEU F 62 -35.41 -26.49 -5.71
C LEU F 62 -36.14 -25.52 -6.66
N LEU F 63 -35.74 -25.41 -7.93
CA LEU F 63 -36.50 -24.71 -8.98
C LEU F 63 -37.00 -25.76 -10.02
N GLY F 64 -37.75 -26.76 -9.57
CA GLY F 64 -38.09 -27.94 -10.39
C GLY F 64 -38.85 -27.62 -11.66
N LEU G 3 -27.50 -52.69 -0.51
CA LEU G 3 -27.34 -51.54 0.45
C LEU G 3 -25.97 -50.85 0.14
N ASP G 4 -25.75 -49.69 0.78
CA ASP G 4 -24.58 -48.85 0.56
C ASP G 4 -23.66 -48.83 1.80
N MET G 5 -22.37 -48.79 1.51
CA MET G 5 -21.31 -49.17 2.47
C MET G 5 -20.30 -48.03 2.63
N ASN G 6 -19.34 -48.23 3.53
CA ASN G 6 -18.36 -47.20 3.77
C ASN G 6 -17.49 -47.14 2.50
N ILE G 7 -17.27 -45.92 2.05
CA ILE G 7 -16.66 -45.66 0.78
C ILE G 7 -15.29 -46.34 0.77
N SER G 8 -14.61 -46.44 1.91
CA SER G 8 -13.28 -47.11 1.95
C SER G 8 -13.37 -48.60 1.64
N GLN G 9 -14.50 -49.21 1.96
CA GLN G 9 -14.79 -50.59 1.61
C GLN G 9 -15.08 -50.75 0.12
N PHE G 10 -15.93 -49.85 -0.43
CA PHE G 10 -16.22 -49.82 -1.88
C PHE G 10 -14.92 -49.75 -2.67
N LEU G 11 -14.03 -48.86 -2.24
CA LEU G 11 -12.72 -48.70 -2.85
C LEU G 11 -11.85 -49.95 -2.71
N LYS G 12 -11.88 -50.59 -1.54
CA LYS G 12 -11.12 -51.81 -1.32
C LYS G 12 -11.63 -52.96 -2.23
N SER G 13 -12.95 -52.99 -2.47
CA SER G 13 -13.56 -53.98 -3.39
C SER G 13 -13.14 -53.85 -4.86
N LEU G 14 -12.68 -52.66 -5.27
CA LEU G 14 -12.13 -52.42 -6.61
C LEU G 14 -10.58 -52.39 -6.66
N GLY G 15 -9.91 -52.74 -5.56
CA GLY G 15 -8.45 -52.58 -5.44
C GLY G 15 -7.96 -51.12 -5.49
N LEU G 16 -8.82 -50.15 -5.13
CA LEU G 16 -8.50 -48.70 -5.21
C LEU G 16 -8.40 -47.97 -3.85
N GLU G 17 -8.01 -48.70 -2.81
CA GLU G 17 -7.89 -48.19 -1.45
C GLU G 17 -7.00 -46.95 -1.41
N HIS G 18 -5.98 -46.90 -2.26
CA HIS G 18 -5.06 -45.77 -2.31
C HIS G 18 -5.73 -44.44 -2.72
N LEU G 19 -6.97 -44.46 -3.21
CA LEU G 19 -7.73 -43.24 -3.50
C LEU G 19 -8.49 -42.67 -2.35
N ARG G 20 -8.47 -43.32 -1.19
CA ARG G 20 -9.30 -42.87 -0.07
C ARG G 20 -9.04 -41.45 0.42
N ASP G 21 -7.78 -41.00 0.35
CA ASP G 21 -7.46 -39.60 0.73
C ASP G 21 -8.19 -38.56 -0.12
N ILE G 22 -8.18 -38.76 -1.42
CA ILE G 22 -8.95 -37.89 -2.33
C ILE G 22 -10.45 -37.90 -2.01
N PHE G 23 -11.03 -39.08 -1.87
CA PHE G 23 -12.46 -39.20 -1.59
C PHE G 23 -12.87 -38.52 -0.27
N GLU G 24 -12.05 -38.67 0.78
CA GLU G 24 -12.28 -38.02 2.08
C GLU G 24 -12.17 -36.50 1.98
N THR G 25 -11.10 -36.03 1.37
CA THR G 25 -10.88 -34.58 1.21
C THR G 25 -11.96 -33.93 0.39
N GLU G 26 -12.33 -34.57 -0.71
CA GLU G 26 -13.35 -34.07 -1.59
C GLU G 26 -14.78 -34.43 -1.17
N GLN G 27 -14.95 -35.11 -0.03
CA GLN G 27 -16.26 -35.50 0.48
C GLN G 27 -17.14 -36.18 -0.54
N ILE G 28 -16.56 -37.10 -1.29
CA ILE G 28 -17.23 -37.84 -2.31
C ILE G 28 -17.88 -39.08 -1.63
N THR G 29 -19.20 -39.06 -1.46
CA THR G 29 -20.00 -40.26 -1.15
C THR G 29 -20.33 -41.05 -2.42
N LEU G 30 -20.95 -42.23 -2.26
CA LEU G 30 -21.48 -42.98 -3.41
C LEU G 30 -22.55 -42.24 -4.18
N ASP G 31 -23.47 -41.60 -3.47
CA ASP G 31 -24.45 -40.70 -4.09
C ASP G 31 -23.79 -39.69 -5.05
N VAL G 32 -22.72 -39.05 -4.61
CA VAL G 32 -22.02 -38.09 -5.46
C VAL G 32 -21.29 -38.78 -6.62
N LEU G 33 -20.55 -39.83 -6.30
CA LEU G 33 -19.80 -40.63 -7.29
C LEU G 33 -20.70 -41.12 -8.44
N ALA G 34 -21.89 -41.63 -8.08
CA ALA G 34 -22.93 -42.01 -9.05
C ALA G 34 -23.22 -40.96 -10.12
N ASP G 35 -23.15 -39.68 -9.75
CA ASP G 35 -23.34 -38.56 -10.70
C ASP G 35 -22.10 -38.17 -11.51
N MET G 36 -20.94 -38.77 -11.28
CA MET G 36 -19.70 -38.32 -11.90
C MET G 36 -19.25 -39.19 -13.08
N GLY G 37 -18.81 -38.55 -14.15
CA GLY G 37 -18.17 -39.21 -15.28
C GLY G 37 -16.67 -38.92 -15.28
N HIS G 38 -16.03 -39.17 -16.41
CA HIS G 38 -14.60 -38.95 -16.56
C HIS G 38 -14.14 -37.51 -16.29
N GLU G 39 -14.85 -36.52 -16.84
CA GLU G 39 -14.46 -35.12 -16.69
C GLU G 39 -14.46 -34.78 -15.21
N GLU G 40 -15.51 -35.20 -14.49
CA GLU G 40 -15.68 -34.76 -13.10
C GLU G 40 -14.65 -35.47 -12.25
N LEU G 41 -14.32 -36.71 -12.55
CA LEU G 41 -13.27 -37.41 -11.78
C LEU G 41 -11.86 -36.90 -12.07
N LYS G 42 -11.67 -36.35 -13.26
CA LYS G 42 -10.42 -35.68 -13.58
C LYS G 42 -10.29 -34.43 -12.75
N GLU G 43 -11.37 -33.67 -12.61
CA GLU G 43 -11.41 -32.46 -11.78
C GLU G 43 -10.95 -32.72 -10.31
N ILE G 44 -11.28 -33.86 -9.72
CA ILE G 44 -10.80 -34.19 -8.35
C ILE G 44 -9.42 -34.93 -8.27
N GLY G 45 -8.70 -35.05 -9.36
CA GLY G 45 -7.39 -35.70 -9.33
C GLY G 45 -7.34 -37.19 -9.60
N ILE G 46 -8.42 -37.86 -10.08
CA ILE G 46 -8.27 -39.26 -10.56
C ILE G 46 -7.75 -39.21 -12.00
N ASN G 47 -6.43 -39.25 -12.16
CA ASN G 47 -5.80 -38.98 -13.47
C ASN G 47 -5.71 -40.16 -14.41
N ALA G 48 -5.76 -41.37 -13.86
CA ALA G 48 -5.63 -42.57 -14.68
C ALA G 48 -7.01 -43.05 -15.16
N TYR G 49 -7.13 -43.18 -16.49
CA TYR G 49 -8.34 -43.66 -17.13
C TYR G 49 -8.83 -44.95 -16.51
N GLY G 50 -7.92 -45.90 -16.31
CA GLY G 50 -8.23 -47.18 -15.70
C GLY G 50 -8.85 -47.10 -14.32
N HIS G 51 -8.44 -46.12 -13.52
CA HIS G 51 -9.07 -45.88 -12.24
C HIS G 51 -10.47 -45.30 -12.37
N ARG G 52 -10.63 -44.30 -13.22
CA ARG G 52 -11.93 -43.68 -13.42
C ARG G 52 -12.93 -44.69 -13.96
N HIS G 53 -12.45 -45.53 -14.86
CA HIS G 53 -13.27 -46.55 -15.50
C HIS G 53 -13.80 -47.55 -14.47
N LYS G 54 -12.91 -48.09 -13.65
CA LYS G 54 -13.32 -48.96 -12.52
C LYS G 54 -14.33 -48.29 -11.59
N LEU G 55 -14.11 -47.03 -11.25
CA LEU G 55 -15.04 -46.29 -10.40
C LEU G 55 -16.40 -46.20 -11.05
N ILE G 56 -16.45 -45.79 -12.32
CA ILE G 56 -17.73 -45.53 -12.99
C ILE G 56 -18.59 -46.82 -13.16
N LYS G 57 -17.91 -47.92 -13.48
CA LYS G 57 -18.50 -49.27 -13.59
C LYS G 57 -18.80 -49.88 -12.24
N GLY G 58 -17.81 -49.84 -11.35
CA GLY G 58 -17.98 -50.20 -9.95
C GLY G 58 -19.25 -49.67 -9.34
N VAL G 59 -19.51 -48.39 -9.53
CA VAL G 59 -20.70 -47.76 -8.98
C VAL G 59 -21.97 -48.17 -9.75
N GLU G 60 -21.95 -48.30 -11.07
CA GLU G 60 -23.07 -48.96 -11.76
C GLU G 60 -23.36 -50.42 -11.23
N ARG G 61 -22.34 -51.31 -11.19
CA ARG G 61 -22.47 -52.68 -10.66
CA ARG G 61 -22.53 -52.67 -10.69
C ARG G 61 -23.10 -52.68 -9.27
N LEU G 62 -22.42 -51.97 -8.35
CA LEU G 62 -22.84 -51.84 -6.94
C LEU G 62 -24.28 -51.39 -6.78
N LEU G 63 -24.66 -50.32 -7.48
CA LEU G 63 -25.96 -49.73 -7.28
C LEU G 63 -26.94 -50.11 -8.40
N GLY G 64 -26.75 -49.61 -9.62
CA GLY G 64 -27.62 -50.01 -10.73
C GLY G 64 -27.93 -51.50 -10.78
N GLY G 65 -26.88 -52.34 -10.78
CA GLY G 65 -27.00 -53.81 -10.74
C GLY G 65 -27.78 -54.40 -11.88
#